data_5X4P
#
_entry.id   5X4P
#
_cell.length_a   66.728
_cell.length_b   66.728
_cell.length_c   155.325
_cell.angle_alpha   90.00
_cell.angle_beta   90.00
_cell.angle_gamma   120.00
#
_symmetry.space_group_name_H-M   'P 61 2 2'
#
loop_
_entity.id
_entity.type
_entity.pdbx_description
1 polymer 'B-cell lymphoma 6 protein'
2 non-polymer 5-[(5-chloranylpyrimidin-4-yl)amino]-1,3-dihydroindol-2-one
3 water water
#
_entity_poly.entity_id   1
_entity_poly.type   'polypeptide(L)'
_entity_poly.pdbx_seq_one_letter_code
;LDYKDDDDKENLYFQGADSCIQFTRHASDVLLNLNRLRSRDILTDVVIVVSREQFRAHKTVLMACSGLFYSIFTDQLKCN
LSVINLDPEINPEGFCILLDFMYTSRLNLREGNIMAVMATAMYLQMEHVVDTCRKFIKASE
;
_entity_poly.pdbx_strand_id   A
#
loop_
_chem_comp.id
_chem_comp.type
_chem_comp.name
_chem_comp.formula
7ZO non-polymer 5-[(5-chloranylpyrimidin-4-yl)amino]-1,3-dihydroindol-2-one 'C12 H9 Cl N4 O'
#
# COMPACT_ATOMS: atom_id res chain seq x y z
N LEU A 12 17.50 -4.49 -18.82
CA LEU A 12 18.07 -3.68 -19.93
C LEU A 12 17.65 -2.21 -19.74
N TYR A 13 17.85 -1.40 -20.77
CA TYR A 13 17.43 -0.01 -20.78
C TYR A 13 16.88 0.30 -22.17
N PHE A 14 16.29 1.48 -22.34
CA PHE A 14 15.84 1.92 -23.66
C PHE A 14 15.88 3.43 -23.79
N GLN A 15 15.75 3.92 -25.03
CA GLN A 15 15.64 5.36 -25.27
C GLN A 15 14.19 5.73 -25.15
N GLY A 16 13.88 6.57 -24.18
CA GLY A 16 12.49 6.91 -23.84
C GLY A 16 12.02 8.10 -24.63
N ALA A 17 10.73 8.41 -24.50
CA ALA A 17 10.10 9.57 -25.18
C ALA A 17 10.88 10.88 -25.05
N ASP A 18 11.29 11.20 -23.82
CA ASP A 18 12.12 12.39 -23.53
C ASP A 18 13.56 12.30 -24.09
N SER A 19 13.93 11.17 -24.70
CA SER A 19 15.27 10.88 -25.27
C SER A 19 16.37 10.59 -24.21
N CYS A 20 16.04 10.70 -22.90
CA CYS A 20 16.89 10.15 -21.83
C CYS A 20 16.95 8.63 -21.94
N ILE A 21 17.94 8.04 -21.31
CA ILE A 21 18.01 6.60 -21.19
C ILE A 21 17.11 6.20 -20.01
N GLN A 22 16.23 5.23 -20.25
CA GLN A 22 15.33 4.76 -19.22
C GLN A 22 15.62 3.31 -18.88
N PHE A 23 15.59 3.00 -17.59
CA PHE A 23 15.88 1.67 -17.11
C PHE A 23 14.59 0.96 -16.79
N THR A 24 14.35 -0.11 -17.51
CA THR A 24 13.07 -0.79 -17.53
C THR A 24 12.67 -1.34 -16.19
N ARG A 25 13.63 -1.94 -15.50
CA ARG A 25 13.36 -2.60 -14.23
C ARG A 25 13.64 -1.76 -13.00
N HIS A 26 14.01 -0.49 -13.15
CA HIS A 26 14.45 0.33 -12.01
C HIS A 26 13.35 0.53 -10.93
N ALA A 27 12.18 1.00 -11.36
CA ALA A 27 11.10 1.25 -10.38
C ALA A 27 10.75 -0.03 -9.61
N SER A 28 10.64 -1.14 -10.30
CA SER A 28 10.25 -2.39 -9.63
C SER A 28 11.38 -2.95 -8.77
N ASP A 29 12.64 -2.72 -9.19
CA ASP A 29 13.79 -3.07 -8.34
C ASP A 29 13.82 -2.23 -7.05
N VAL A 30 13.52 -0.94 -7.16
CA VAL A 30 13.48 -0.09 -5.99
C VAL A 30 12.44 -0.64 -5.03
N LEU A 31 11.27 -0.97 -5.57
CA LEU A 31 10.16 -1.42 -4.74
C LEU A 31 10.54 -2.74 -4.06
N LEU A 32 11.16 -3.65 -4.81
CA LEU A 32 11.66 -4.93 -4.30
C LEU A 32 12.66 -4.75 -3.14
N ASN A 33 13.58 -3.81 -3.32
CA ASN A 33 14.53 -3.49 -2.29
C ASN A 33 13.86 -2.87 -1.05
N LEU A 34 12.87 -1.99 -1.24
CA LEU A 34 12.12 -1.46 -0.10
C LEU A 34 11.35 -2.57 0.64
N ASN A 35 10.84 -3.55 -0.09
CA ASN A 35 10.16 -4.68 0.55
C ASN A 35 11.10 -5.57 1.34
N ARG A 36 12.32 -5.72 0.86
CA ARG A 36 13.34 -6.45 1.63
C ARG A 36 13.69 -5.75 2.92
N LEU A 37 13.84 -4.43 2.86
CA LEU A 37 14.01 -3.62 4.07
C LEU A 37 12.84 -3.84 5.03
N ARG A 38 11.62 -3.81 4.51
CA ARG A 38 10.45 -4.03 5.36
C ARG A 38 10.52 -5.41 6.03
N SER A 39 10.74 -6.47 5.25
CA SER A 39 10.97 -7.82 5.81
C SER A 39 12.02 -7.87 6.88
N ARG A 40 13.12 -7.12 6.73
CA ARG A 40 14.16 -7.13 7.77
C ARG A 40 14.02 -6.07 8.85
N ASP A 41 12.90 -5.35 8.85
CA ASP A 41 12.66 -4.24 9.76
C ASP A 41 13.76 -3.16 9.76
N ILE A 42 14.27 -2.85 8.57
CA ILE A 42 15.32 -1.83 8.42
C ILE A 42 14.71 -0.48 8.05
N LEU A 43 14.97 0.51 8.90
CA LEU A 43 14.48 1.88 8.70
C LEU A 43 12.96 2.03 8.65
N THR A 44 12.24 1.02 9.12
CA THR A 44 10.81 1.16 9.31
C THR A 44 10.61 2.25 10.36
N ASP A 45 9.66 3.15 10.14
CA ASP A 45 9.48 4.31 11.00
C ASP A 45 8.02 4.47 11.48
N VAL A 46 7.19 3.46 11.27
CA VAL A 46 5.81 3.52 11.80
C VAL A 46 5.26 2.13 11.98
N VAL A 47 4.40 1.98 12.98
CA VAL A 47 3.60 0.77 13.19
C VAL A 47 2.14 1.13 12.95
N ILE A 48 1.48 0.35 12.09
CA ILE A 48 0.06 0.45 11.85
C ILE A 48 -0.63 -0.66 12.69
N VAL A 49 -1.58 -0.25 13.53
CA VAL A 49 -2.31 -1.16 14.41
C VAL A 49 -3.75 -1.35 13.86
N VAL A 50 -4.12 -2.60 13.63
CA VAL A 50 -5.44 -2.97 13.14
C VAL A 50 -5.96 -4.17 13.97
N SER A 51 -7.10 -4.03 14.62
CA SER A 51 -7.76 -5.16 15.31
C SER A 51 -6.76 -5.90 16.25
N ARG A 52 -5.91 -5.11 16.90
CA ARG A 52 -4.80 -5.57 17.77
C ARG A 52 -3.57 -6.12 17.05
N GLU A 53 -3.59 -6.20 15.72
CA GLU A 53 -2.42 -6.64 14.96
C GLU A 53 -1.57 -5.45 14.55
N GLN A 54 -0.25 -5.66 14.55
CA GLN A 54 0.72 -4.61 14.25
C GLN A 54 1.46 -4.90 12.96
N PHE A 55 1.68 -3.87 12.16
CA PHE A 55 2.36 -3.97 10.87
C PHE A 55 3.38 -2.82 10.77
N ARG A 56 4.66 -3.18 10.65
CA ARG A 56 5.74 -2.21 10.50
C ARG A 56 5.82 -1.76 9.05
N ALA A 57 6.15 -0.49 8.83
CA ALA A 57 6.29 0.01 7.47
C ALA A 57 7.09 1.30 7.40
N HIS A 58 7.26 1.79 6.17
CA HIS A 58 7.92 3.05 5.88
C HIS A 58 6.84 4.02 5.51
N LYS A 59 6.81 5.16 6.20
CA LYS A 59 5.79 6.18 5.97
C LYS A 59 5.76 6.67 4.53
N THR A 60 6.94 6.85 3.95
CA THR A 60 7.00 7.33 2.56
C THR A 60 6.29 6.39 1.60
N VAL A 61 6.50 5.10 1.78
CA VAL A 61 5.84 4.14 0.89
C VAL A 61 4.29 4.20 1.12
N LEU A 62 3.89 4.28 2.39
CA LEU A 62 2.45 4.38 2.68
C LEU A 62 1.84 5.58 2.00
N MET A 63 2.51 6.73 2.13
CA MET A 63 2.05 7.99 1.54
C MET A 63 1.96 7.91 0.04
N ALA A 64 2.95 7.29 -0.56
CA ALA A 64 3.03 7.15 -2.02
C ALA A 64 1.84 6.36 -2.59
N CYS A 65 1.25 5.47 -1.79
CA CYS A 65 0.15 4.56 -2.24
C CYS A 65 -1.27 4.87 -1.77
N SER A 66 -1.40 5.73 -0.77
CA SER A 66 -2.69 5.92 -0.04
C SER A 66 -3.00 7.36 0.27
N GLY A 67 -4.15 7.83 -0.20
CA GLY A 67 -4.66 9.16 0.15
C GLY A 67 -4.76 9.40 1.65
N LEU A 68 -5.18 8.39 2.41
CA LEU A 68 -5.28 8.52 3.86
C LEU A 68 -3.94 8.75 4.51
N PHE A 69 -2.98 7.87 4.21
CA PHE A 69 -1.64 8.04 4.74
C PHE A 69 -0.97 9.34 4.25
N TYR A 70 -1.23 9.73 3.01
CA TYR A 70 -0.74 11.02 2.54
C TYR A 70 -1.21 12.17 3.42
N SER A 71 -2.50 12.18 3.78
CA SER A 71 -3.06 13.25 4.66
C SER A 71 -2.50 13.19 6.05
N ILE A 72 -2.39 11.98 6.59
CA ILE A 72 -1.89 11.81 7.94
C ILE A 72 -0.46 12.35 8.03
N PHE A 73 0.41 11.92 7.11
CA PHE A 73 1.83 12.24 7.29
C PHE A 73 2.23 13.59 6.72
N THR A 74 1.34 14.32 6.04
CA THR A 74 1.63 15.72 5.70
C THR A 74 1.01 16.66 6.75
N ASP A 75 0.32 16.12 7.74
CA ASP A 75 -0.17 16.89 8.86
C ASP A 75 0.98 17.11 9.85
N GLN A 76 1.27 18.38 10.14
CA GLN A 76 2.42 18.71 10.99
C GLN A 76 2.30 18.16 12.41
N LEU A 77 1.08 17.93 12.87
CA LEU A 77 0.87 17.31 14.17
C LEU A 77 1.07 15.80 14.10
N LYS A 78 0.43 15.15 13.12
CA LYS A 78 0.39 13.68 13.06
C LYS A 78 1.60 13.04 12.42
N CYS A 79 2.39 13.81 11.67
CA CYS A 79 3.58 13.24 10.99
C CYS A 79 4.67 12.72 11.93
N ASN A 80 4.58 13.07 13.22
CA ASN A 80 5.50 12.64 14.27
C ASN A 80 4.99 11.44 15.05
N LEU A 81 3.78 10.96 14.73
CA LEU A 81 3.28 9.75 15.35
C LEU A 81 4.06 8.60 14.75
N SER A 82 4.59 7.75 15.62
CA SER A 82 5.19 6.51 15.17
C SER A 82 4.23 5.31 15.35
N VAL A 83 3.01 5.55 15.85
CA VAL A 83 1.96 4.51 15.89
C VAL A 83 0.67 5.10 15.35
N ILE A 84 0.08 4.45 14.35
CA ILE A 84 -1.16 4.89 13.75
C ILE A 84 -2.18 3.78 13.92
N ASN A 85 -3.25 4.04 14.66
CA ASN A 85 -4.35 3.06 14.79
C ASN A 85 -5.35 3.28 13.66
N LEU A 86 -5.80 2.20 13.05
CA LEU A 86 -6.88 2.29 12.09
C LEU A 86 -8.19 1.88 12.74
N ASP A 87 -9.28 2.21 12.05
CA ASP A 87 -10.62 1.76 12.43
C ASP A 87 -10.59 0.29 12.87
N PRO A 88 -10.96 0.00 14.13
CA PRO A 88 -10.89 -1.38 14.62
C PRO A 88 -11.84 -2.39 13.95
N GLU A 89 -12.75 -1.94 13.09
CA GLU A 89 -13.55 -2.82 12.25
C GLU A 89 -12.86 -3.22 10.96
N ILE A 90 -11.72 -2.60 10.62
CA ILE A 90 -10.99 -2.98 9.41
C ILE A 90 -10.49 -4.40 9.60
N ASN A 91 -10.71 -5.21 8.57
CA ASN A 91 -10.21 -6.56 8.55
C ASN A 91 -8.68 -6.52 8.38
N PRO A 92 -7.92 -7.05 9.36
CA PRO A 92 -6.47 -7.02 9.28
C PRO A 92 -5.91 -7.73 8.09
N GLU A 93 -6.54 -8.82 7.64
CA GLU A 93 -6.11 -9.50 6.42
C GLU A 93 -6.27 -8.60 5.20
N GLY A 94 -7.36 -7.83 5.15
CA GLY A 94 -7.58 -6.84 4.09
C GLY A 94 -6.43 -5.84 4.08
N PHE A 95 -6.06 -5.36 5.27
CA PHE A 95 -4.96 -4.45 5.38
C PHE A 95 -3.65 -5.07 4.90
N CYS A 96 -3.41 -6.31 5.32
CA CYS A 96 -2.16 -7.03 5.03
C CYS A 96 -1.99 -7.22 3.53
N ILE A 97 -3.09 -7.55 2.85
CA ILE A 97 -3.08 -7.71 1.42
C ILE A 97 -2.73 -6.40 0.70
N LEU A 98 -3.30 -5.30 1.18
CA LEU A 98 -3.07 -4.01 0.57
C LEU A 98 -1.65 -3.49 0.82
N LEU A 99 -1.15 -3.72 2.02
CA LEU A 99 0.24 -3.39 2.35
C LEU A 99 1.23 -4.18 1.48
N ASP A 100 0.91 -5.45 1.24
CA ASP A 100 1.69 -6.28 0.34
C ASP A 100 1.68 -5.70 -1.07
N PHE A 101 0.49 -5.32 -1.53
CA PHE A 101 0.36 -4.67 -2.82
C PHE A 101 1.21 -3.39 -2.94
N MET A 102 1.16 -2.54 -1.91
CA MET A 102 1.95 -1.30 -1.92
C MET A 102 3.42 -1.58 -2.24
N TYR A 103 3.94 -2.65 -1.62
CA TYR A 103 5.35 -3.02 -1.74
C TYR A 103 5.72 -3.97 -2.86
N THR A 104 4.74 -4.45 -3.65
CA THR A 104 5.01 -5.46 -4.71
C THR A 104 4.32 -5.21 -6.05
N SER A 105 3.30 -4.36 -6.10
CA SER A 105 2.42 -4.21 -7.29
C SER A 105 1.43 -5.36 -7.50
N ARG A 106 1.41 -6.36 -6.62
CA ARG A 106 0.58 -7.55 -6.80
C ARG A 106 -0.53 -7.55 -5.77
N LEU A 107 -1.74 -7.71 -6.24
CA LEU A 107 -2.93 -7.66 -5.40
C LEU A 107 -3.55 -9.05 -5.42
N ASN A 108 -3.54 -9.71 -4.27
CA ASN A 108 -4.09 -11.03 -4.16
C ASN A 108 -5.61 -10.95 -3.89
N LEU A 109 -6.36 -10.80 -4.96
CA LEU A 109 -7.80 -10.60 -4.88
C LEU A 109 -8.46 -11.95 -5.04
N ARG A 110 -9.38 -12.27 -4.13
CA ARG A 110 -10.12 -13.55 -4.15
C ARG A 110 -11.58 -13.32 -3.83
N GLU A 111 -12.42 -14.26 -4.25
CA GLU A 111 -13.83 -14.19 -3.91
C GLU A 111 -14.03 -14.11 -2.39
N GLY A 112 -13.23 -14.87 -1.63
CA GLY A 112 -13.33 -14.87 -0.16
C GLY A 112 -12.93 -13.59 0.52
N ASN A 113 -12.06 -12.78 -0.11
CA ASN A 113 -11.57 -11.56 0.53
C ASN A 113 -11.94 -10.23 -0.14
N ILE A 114 -12.54 -10.26 -1.33
CA ILE A 114 -12.66 -9.04 -2.15
C ILE A 114 -13.39 -7.89 -1.46
N MET A 115 -14.42 -8.23 -0.70
CA MET A 115 -15.27 -7.23 -0.05
C MET A 115 -14.50 -6.53 1.08
N ALA A 116 -13.75 -7.31 1.84
CA ALA A 116 -12.86 -6.78 2.87
C ALA A 116 -11.70 -5.95 2.29
N VAL A 117 -11.14 -6.38 1.16
CA VAL A 117 -10.08 -5.61 0.51
C VAL A 117 -10.62 -4.30 -0.02
N MET A 118 -11.80 -4.33 -0.63
CA MET A 118 -12.37 -3.13 -1.22
C MET A 118 -12.75 -2.11 -0.16
N ALA A 119 -13.36 -2.56 0.93
CA ALA A 119 -13.73 -1.66 2.02
C ALA A 119 -12.49 -1.00 2.60
N THR A 120 -11.44 -1.78 2.81
CA THR A 120 -10.19 -1.28 3.34
C THR A 120 -9.54 -0.27 2.38
N ALA A 121 -9.59 -0.54 1.07
CA ALA A 121 -8.98 0.36 0.06
C ALA A 121 -9.74 1.67 -0.02
N MET A 122 -11.05 1.61 0.14
CA MET A 122 -11.88 2.82 0.21
C MET A 122 -11.49 3.63 1.42
N TYR A 123 -11.36 2.98 2.56
CA TYR A 123 -10.91 3.64 3.79
C TYR A 123 -9.51 4.27 3.63
N LEU A 124 -8.61 3.55 2.97
CA LEU A 124 -7.25 4.05 2.77
C LEU A 124 -7.09 5.03 1.62
N GLN A 125 -8.17 5.28 0.88
CA GLN A 125 -8.15 6.13 -0.34
C GLN A 125 -7.13 5.62 -1.39
N MET A 126 -7.28 4.35 -1.73
CA MET A 126 -6.47 3.72 -2.77
C MET A 126 -7.35 3.56 -3.98
N GLU A 127 -7.47 4.64 -4.74
CA GLU A 127 -8.49 4.75 -5.79
C GLU A 127 -8.42 3.67 -6.91
N HIS A 128 -7.23 3.39 -7.45
CA HIS A 128 -7.11 2.38 -8.51
C HIS A 128 -7.45 0.97 -8.04
N VAL A 129 -7.11 0.65 -6.80
CA VAL A 129 -7.51 -0.61 -6.21
C VAL A 129 -9.04 -0.68 -6.05
N VAL A 130 -9.65 0.39 -5.52
CA VAL A 130 -11.13 0.42 -5.42
C VAL A 130 -11.79 0.17 -6.78
N ASP A 131 -11.31 0.85 -7.82
CA ASP A 131 -11.86 0.68 -9.19
C ASP A 131 -11.78 -0.77 -9.66
N THR A 132 -10.58 -1.34 -9.54
CA THR A 132 -10.37 -2.73 -9.90
C THR A 132 -11.29 -3.67 -9.12
N CYS A 133 -11.41 -3.47 -7.81
CA CYS A 133 -12.32 -4.29 -7.02
C CYS A 133 -13.77 -4.19 -7.57
N ARG A 134 -14.17 -2.96 -7.93
CA ARG A 134 -15.49 -2.69 -8.52
C ARG A 134 -15.74 -3.53 -9.76
N LYS A 135 -14.78 -3.56 -10.67
CA LYS A 135 -14.92 -4.30 -11.92
C LYS A 135 -15.05 -5.79 -11.68
N PHE A 136 -14.21 -6.34 -10.81
CA PHE A 136 -14.29 -7.77 -10.48
C PHE A 136 -15.63 -8.18 -9.83
N ILE A 137 -16.23 -7.29 -9.05
CA ILE A 137 -17.55 -7.53 -8.42
C ILE A 137 -18.66 -7.47 -9.46
N LYS A 138 -18.64 -6.43 -10.28
CA LYS A 138 -19.49 -6.31 -11.47
C LYS A 138 -19.55 -7.61 -12.28
N ALA A 139 -18.39 -8.17 -12.60
CA ALA A 139 -18.30 -9.44 -13.34
C ALA A 139 -18.82 -10.66 -12.57
N SER A 140 -18.62 -10.69 -11.25
CA SER A 140 -19.04 -11.82 -10.39
C SER A 140 -20.52 -11.82 -10.08
N GLU A 141 -21.19 -10.69 -10.30
CA GLU A 141 -22.65 -10.62 -10.32
C GLU A 141 -23.12 -10.57 -11.78
C4 7ZO B . 17.87 -4.20 0.18
C5 7ZO B . 19.30 -5.50 -0.95
C6 7ZO B . 22.23 -1.97 -4.81
C7 7ZO B . 23.34 -2.67 -4.43
C8 7ZO B . 21.27 -2.34 -2.69
C10 7ZO B . 19.52 -3.26 -1.23
C1 7ZO B . 23.46 -3.23 -3.18
C2 7ZO B . 22.39 -3.05 -2.30
C3 7ZO B . 21.18 -1.79 -3.95
C9 7ZO B . 18.46 -3.07 -0.36
C11 7ZO B . 23.75 -2.06 -6.59
C12 7ZO B . 22.40 -1.49 -6.21
N13 7ZO B . 18.28 -5.44 -0.10
N14 7ZO B . 19.94 -4.49 -1.54
N15 7ZO B . 24.24 -2.70 -5.48
N16 7ZO B . 20.20 -2.18 -1.81
O17 7ZO B . 24.27 -1.96 -7.70
CL1 7ZO B . 17.82 -1.53 0.10
#